data_7MNR
#
_entry.id   7MNR
#
_cell.length_a   59.570
_cell.length_b   80.200
_cell.length_c   54.830
_cell.angle_alpha   90.000
_cell.angle_beta   90.000
_cell.angle_gamma   90.000
#
_symmetry.space_group_name_H-M   'P 21 21 2'
#
loop_
_entity.id
_entity.type
_entity.pdbx_description
1 polymer 'GTP-binding nuclear protein Ran'
2 polymer 'E3 SUMO-protein ligase RanBP2'
3 non-polymer "GUANOSINE-5'-DIPHOSPHATE"
4 non-polymer 'MAGNESIUM ION'
5 non-polymer 'ZINC ION'
6 water water
#
loop_
_entity_poly.entity_id
_entity_poly.type
_entity_poly.pdbx_seq_one_letter_code
_entity_poly.pdbx_strand_id
1 'polypeptide(L)'
;MGSSHHHHHHSSGLVPRGSHMAAQGEPQVQFKLVLVGDGGTGKTTFVKRHLTGESEKKYVATLGVEVHPLVFHTNRGPIK
FNVWDTAGQEKFGGLRDGYYIQAQCAIIMFDVTSRVTYKNVPNWHRDLVRVCENIPIVLCGNKVDIKDRKVKAKSIVFHR
KKNLQYYDISAKSNYNFEKPFLWLARKLIGDPNLEFVAMPALAPPEVVMDPALAAQYEHDLEVAQTTALPDEDDDL
;
A
2 'polypeptide(L)' GPLGSMDFRSVFSTKEGQWDCSACLVQNEGSSTKCAACQNPRK B
#
loop_
_chem_comp.id
_chem_comp.type
_chem_comp.name
_chem_comp.formula
GDP RNA linking GUANOSINE-5'-DIPHOSPHATE 'C10 H15 N5 O11 P2'
MG non-polymer 'MAGNESIUM ION' 'Mg 2'
ZN non-polymer 'ZINC ION' 'Zn 2'
#
# COMPACT_ATOMS: atom_id res chain seq x y z
N GLU A 26 22.50 5.53 10.26
CA GLU A 26 21.39 6.21 10.92
C GLU A 26 20.12 6.30 10.04
N PRO A 27 20.21 6.90 8.86
CA PRO A 27 19.00 7.10 8.05
C PRO A 27 18.45 5.77 7.55
N GLN A 28 17.13 5.71 7.45
CA GLN A 28 16.42 4.51 7.06
C GLN A 28 15.62 4.78 5.80
N VAL A 29 15.67 3.84 4.85
CA VAL A 29 14.85 3.94 3.64
C VAL A 29 13.37 3.89 4.00
N GLN A 30 12.61 4.87 3.55
CA GLN A 30 11.18 4.83 3.81
C GLN A 30 10.41 5.56 2.72
N PHE A 31 9.19 5.15 2.53
CA PHE A 31 8.32 5.66 1.49
C PHE A 31 6.94 5.97 2.05
N LYS A 32 6.33 7.05 1.59
CA LYS A 32 4.92 7.28 1.88
C LYS A 32 4.06 6.49 0.89
N LEU A 33 3.22 5.60 1.42
CA LEU A 33 2.25 4.80 0.66
C LEU A 33 0.84 5.23 1.04
N VAL A 34 0.04 5.62 0.04
CA VAL A 34 -1.36 5.96 0.30
C VAL A 34 -2.23 4.77 -0.06
N LEU A 35 -3.11 4.41 0.84
CA LEU A 35 -4.03 3.30 0.69
C LEU A 35 -5.41 3.88 0.48
N VAL A 36 -5.97 3.68 -0.72
CA VAL A 36 -7.25 4.29 -1.10
C VAL A 36 -8.15 3.25 -1.72
N GLY A 37 -9.41 3.66 -1.93
CA GLY A 37 -10.47 2.75 -2.34
C GLY A 37 -11.74 3.04 -1.57
N ASP A 38 -12.87 2.49 -2.03
CA ASP A 38 -14.16 2.81 -1.46
C ASP A 38 -14.19 2.43 0.02
N GLY A 39 -15.07 3.11 0.76
CA GLY A 39 -15.31 2.70 2.13
C GLY A 39 -15.79 1.25 2.18
N GLY A 40 -15.38 0.55 3.22
CA GLY A 40 -15.77 -0.84 3.39
C GLY A 40 -15.03 -1.87 2.58
N THR A 41 -13.97 -1.50 1.86
CA THR A 41 -13.26 -2.49 1.08
C THR A 41 -12.21 -3.28 1.88
N GLY A 42 -11.94 -2.91 3.12
CA GLY A 42 -10.98 -3.60 3.97
C GLY A 42 -9.63 -2.93 4.13
N LYS A 43 -9.51 -1.62 3.81
CA LYS A 43 -8.25 -0.88 3.91
C LYS A 43 -7.68 -0.92 5.32
N THR A 44 -8.51 -0.53 6.30
CA THR A 44 -8.04 -0.53 7.68
C THR A 44 -7.72 -1.94 8.17
N THR A 45 -8.57 -2.91 7.86
CA THR A 45 -8.27 -4.28 8.25
C THR A 45 -6.93 -4.74 7.69
N PHE A 46 -6.67 -4.40 6.43
CA PHE A 46 -5.42 -4.77 5.79
C PHE A 46 -4.20 -4.16 6.47
N VAL A 47 -4.17 -2.84 6.61
CA VAL A 47 -2.95 -2.21 7.14
C VAL A 47 -2.68 -2.71 8.54
N LYS A 48 -3.74 -3.04 9.29
CA LYS A 48 -3.57 -3.46 10.68
C LYS A 48 -2.98 -4.86 10.85
N ARG A 49 -2.83 -5.66 9.78
CA ARG A 49 -2.25 -6.98 9.97
C ARG A 49 -0.80 -6.90 10.45
N HIS A 50 -0.09 -5.85 10.08
CA HIS A 50 1.30 -5.66 10.47
C HIS A 50 1.36 -5.17 11.91
N LEU A 51 1.80 -6.05 12.80
CA LEU A 51 1.64 -5.79 14.23
C LEU A 51 2.45 -4.59 14.70
N THR A 52 3.70 -4.47 14.28
CA THR A 52 4.51 -3.34 14.73
C THR A 52 4.02 -2.03 14.11
N GLY A 53 3.55 -2.06 12.86
CA GLY A 53 2.95 -0.89 12.28
C GLY A 53 1.74 -0.39 13.04
N GLU A 54 0.97 -1.31 13.63
CA GLU A 54 -0.15 -0.90 14.46
C GLU A 54 0.30 -0.34 15.79
N SER A 55 1.29 -0.95 16.46
CA SER A 55 1.68 -0.43 17.75
C SER A 55 2.45 0.89 17.62
N GLU A 56 3.08 1.15 16.48
CA GLU A 56 3.81 2.39 16.27
C GLU A 56 3.08 3.40 15.36
N LYS A 57 1.78 3.24 15.13
CA LYS A 57 1.05 4.13 14.23
C LYS A 57 0.95 5.54 14.81
N LYS A 58 0.83 6.52 13.93
CA LYS A 58 0.73 7.91 14.32
C LYS A 58 -0.61 8.44 13.86
N TYR A 59 -1.30 9.18 14.72
CA TYR A 59 -2.55 9.82 14.33
C TYR A 59 -2.28 11.27 13.94
N VAL A 60 -2.65 11.63 12.72
CA VAL A 60 -2.43 12.97 12.18
C VAL A 60 -3.74 13.73 12.30
N ALA A 61 -3.82 14.61 13.30
CA ALA A 61 -5.09 15.23 13.64
C ALA A 61 -5.54 16.19 12.56
N THR A 62 -4.60 16.91 11.95
CA THR A 62 -4.99 17.90 10.96
C THR A 62 -5.63 17.28 9.74
N LEU A 63 -5.36 16.01 9.44
CA LEU A 63 -5.91 15.36 8.25
C LEU A 63 -6.84 14.19 8.54
N GLY A 64 -7.01 13.77 9.79
CA GLY A 64 -7.78 12.56 10.07
C GLY A 64 -7.19 11.33 9.39
N VAL A 65 -5.93 11.03 9.69
CA VAL A 65 -5.22 9.91 9.07
C VAL A 65 -4.45 9.19 10.16
N GLU A 66 -4.35 7.89 10.02
CA GLU A 66 -3.40 7.08 10.79
C GLU A 66 -2.28 6.62 9.87
N VAL A 67 -1.04 6.98 10.21
CA VAL A 67 0.13 6.56 9.45
C VAL A 67 0.75 5.36 10.16
N HIS A 68 0.82 4.22 9.46
CA HIS A 68 1.33 2.99 10.04
C HIS A 68 2.72 2.76 9.48
N PRO A 69 3.79 2.77 10.31
CA PRO A 69 5.15 2.54 9.77
C PRO A 69 5.44 1.06 9.66
N LEU A 70 5.38 0.53 8.45
CA LEU A 70 5.53 -0.91 8.23
C LEU A 70 6.94 -1.27 7.74
N VAL A 71 7.72 -1.91 8.61
N VAL A 71 7.73 -1.91 8.60
CA VAL A 71 9.05 -2.37 8.22
CA VAL A 71 9.07 -2.33 8.22
C VAL A 71 8.95 -3.71 7.51
C VAL A 71 9.02 -3.71 7.57
N PHE A 72 9.77 -3.86 6.47
CA PHE A 72 10.01 -5.12 5.79
C PHE A 72 11.52 -5.27 5.67
N HIS A 73 12.01 -6.46 5.92
CA HIS A 73 13.44 -6.73 5.87
C HIS A 73 13.79 -7.36 4.53
N THR A 74 14.55 -6.61 3.72
CA THR A 74 15.00 -7.08 2.41
C THR A 74 16.43 -7.62 2.47
N ASN A 75 16.81 -8.29 1.40
CA ASN A 75 18.19 -8.77 1.27
C ASN A 75 19.20 -7.62 1.21
N ARG A 76 18.77 -6.38 1.08
CA ARG A 76 19.68 -5.24 1.12
C ARG A 76 19.51 -4.42 2.40
N GLY A 77 18.69 -4.89 3.33
CA GLY A 77 18.38 -4.15 4.53
C GLY A 77 16.92 -3.78 4.69
N PRO A 78 16.62 -3.03 5.73
CA PRO A 78 15.22 -2.71 6.02
C PRO A 78 14.69 -1.59 5.15
N ILE A 79 13.41 -1.70 4.84
CA ILE A 79 12.65 -0.61 4.26
C ILE A 79 11.35 -0.44 5.03
N LYS A 80 10.86 0.79 5.05
CA LYS A 80 9.65 1.15 5.77
C LYS A 80 8.66 1.75 4.80
N PHE A 81 7.48 1.17 4.73
CA PHE A 81 6.32 1.80 4.09
C PHE A 81 5.51 2.48 5.17
N ASN A 82 5.41 3.80 5.09
CA ASN A 82 4.57 4.60 5.96
C ASN A 82 3.20 4.71 5.30
N VAL A 83 2.28 3.83 5.72
CA VAL A 83 1.01 3.67 5.05
C VAL A 83 -0.02 4.62 5.65
N TRP A 84 -0.64 5.43 4.80
CA TRP A 84 -1.66 6.40 5.20
C TRP A 84 -3.04 5.74 5.08
N ASP A 85 -3.69 5.54 6.22
CA ASP A 85 -5.01 4.96 6.27
C ASP A 85 -6.01 6.03 6.67
N THR A 86 -7.08 6.16 5.90
CA THR A 86 -8.07 7.16 6.24
C THR A 86 -8.78 6.80 7.55
N ALA A 87 -9.55 7.78 8.02
CA ALA A 87 -10.53 7.63 9.09
C ALA A 87 -11.96 7.61 8.57
N GLY A 88 -12.17 7.07 7.37
CA GLY A 88 -13.50 6.89 6.84
C GLY A 88 -14.02 8.00 5.97
N GLN A 89 -13.27 9.10 5.81
CA GLN A 89 -13.78 10.25 5.07
C GLN A 89 -14.03 9.94 3.59
N GLU A 90 -13.44 8.85 3.06
CA GLU A 90 -13.61 8.50 1.65
C GLU A 90 -15.08 8.28 1.28
N LYS A 91 -15.95 8.06 2.25
CA LYS A 91 -17.38 7.92 1.95
C LYS A 91 -18.07 9.19 1.50
N PHE A 92 -17.44 10.38 1.66
CA PHE A 92 -18.09 11.68 1.44
C PHE A 92 -17.34 12.52 0.41
N GLY A 93 -16.81 11.86 -0.60
CA GLY A 93 -16.17 12.57 -1.68
C GLY A 93 -14.66 12.39 -1.61
N GLY A 94 -13.99 13.11 -2.50
CA GLY A 94 -12.55 12.99 -2.58
C GLY A 94 -11.88 13.31 -1.25
N LEU A 95 -10.68 12.79 -1.11
CA LEU A 95 -9.85 13.15 0.02
C LEU A 95 -9.16 14.48 -0.28
N ARG A 96 -8.80 15.20 0.78
CA ARG A 96 -8.08 16.46 0.62
C ARG A 96 -6.68 16.23 0.04
N ASP A 97 -6.15 17.28 -0.61
CA ASP A 97 -4.84 17.16 -1.26
C ASP A 97 -3.75 16.73 -0.30
N GLY A 98 -3.77 17.25 0.93
CA GLY A 98 -2.73 16.89 1.89
C GLY A 98 -2.57 15.39 2.10
N TYR A 99 -3.67 14.64 1.96
CA TYR A 99 -3.60 13.18 2.06
C TYR A 99 -2.61 12.62 1.04
N TYR A 100 -2.66 13.15 -0.17
CA TYR A 100 -1.86 12.64 -1.27
C TYR A 100 -0.46 13.23 -1.35
N ILE A 101 -0.25 14.40 -0.75
CA ILE A 101 0.99 15.16 -0.97
C ILE A 101 2.20 14.34 -0.53
N GLN A 102 3.20 14.26 -1.42
CA GLN A 102 4.44 13.53 -1.18
C GLN A 102 4.25 12.01 -1.17
N ALA A 103 3.09 11.51 -1.61
CA ALA A 103 2.97 10.07 -1.78
C ALA A 103 4.00 9.58 -2.79
N GLN A 104 4.63 8.46 -2.47
CA GLN A 104 5.61 7.85 -3.34
C GLN A 104 5.10 6.58 -4.00
N CYS A 105 3.97 6.05 -3.54
CA CYS A 105 3.38 4.83 -4.07
C CYS A 105 1.99 4.74 -3.47
N ALA A 106 1.20 3.81 -4.00
CA ALA A 106 -0.18 3.65 -3.58
C ALA A 106 -0.66 2.21 -3.78
N ILE A 107 -1.64 1.86 -2.97
CA ILE A 107 -2.47 0.69 -3.18
C ILE A 107 -3.89 1.19 -3.36
N ILE A 108 -4.53 0.76 -4.44
CA ILE A 108 -5.97 0.94 -4.61
C ILE A 108 -6.64 -0.38 -4.26
N MET A 109 -7.59 -0.34 -3.34
CA MET A 109 -8.31 -1.52 -2.89
C MET A 109 -9.75 -1.50 -3.38
N PHE A 110 -10.25 -2.67 -3.77
CA PHE A 110 -11.68 -2.91 -3.90
C PHE A 110 -12.06 -4.24 -3.23
N ASP A 111 -13.34 -4.51 -3.21
CA ASP A 111 -13.91 -5.69 -2.53
C ASP A 111 -14.45 -6.61 -3.61
N VAL A 112 -13.89 -7.83 -3.71
CA VAL A 112 -14.28 -8.73 -4.80
C VAL A 112 -15.73 -9.21 -4.67
N THR A 113 -16.41 -8.91 -3.56
CA THR A 113 -17.83 -9.22 -3.42
C THR A 113 -18.72 -8.03 -3.81
N SER A 114 -18.14 -6.89 -4.18
CA SER A 114 -18.92 -5.69 -4.48
C SER A 114 -18.47 -5.09 -5.79
N ARG A 115 -19.28 -5.28 -6.83
CA ARG A 115 -18.89 -4.78 -8.15
C ARG A 115 -18.79 -3.27 -8.16
N VAL A 116 -19.62 -2.56 -7.38
CA VAL A 116 -19.53 -1.10 -7.32
C VAL A 116 -18.13 -0.66 -6.91
N THR A 117 -17.51 -1.36 -5.95
CA THR A 117 -16.20 -0.90 -5.51
C THR A 117 -15.15 -1.08 -6.61
N TYR A 118 -15.33 -2.08 -7.48
CA TYR A 118 -14.43 -2.25 -8.62
C TYR A 118 -14.69 -1.21 -9.70
N LYS A 119 -15.96 -0.90 -9.95
CA LYS A 119 -16.30 0.15 -10.90
C LYS A 119 -15.78 1.53 -10.48
N ASN A 120 -15.54 1.76 -9.20
CA ASN A 120 -14.96 3.04 -8.77
C ASN A 120 -13.44 3.08 -8.84
N VAL A 121 -12.77 1.97 -9.15
CA VAL A 121 -11.31 1.97 -9.23
C VAL A 121 -10.78 3.04 -10.17
N PRO A 122 -11.30 3.20 -11.39
CA PRO A 122 -10.77 4.28 -12.27
C PRO A 122 -10.85 5.66 -11.63
N ASN A 123 -11.87 5.91 -10.80
CA ASN A 123 -11.98 7.22 -10.14
C ASN A 123 -10.84 7.43 -9.15
N TRP A 124 -10.57 6.44 -8.30
CA TRP A 124 -9.42 6.56 -7.40
C TRP A 124 -8.14 6.72 -8.19
N HIS A 125 -8.01 5.96 -9.27
CA HIS A 125 -6.78 6.02 -10.07
C HIS A 125 -6.59 7.42 -10.64
N ARG A 126 -7.68 8.02 -11.15
CA ARG A 126 -7.66 9.40 -11.63
C ARG A 126 -7.23 10.38 -10.54
N ASP A 127 -7.81 10.26 -9.35
CA ASP A 127 -7.47 11.20 -8.27
C ASP A 127 -5.98 11.09 -7.94
N LEU A 128 -5.45 9.86 -7.91
CA LEU A 128 -4.06 9.63 -7.58
C LEU A 128 -3.11 10.28 -8.58
N VAL A 129 -3.30 10.00 -9.86
CA VAL A 129 -2.41 10.56 -10.86
C VAL A 129 -2.54 12.08 -10.90
N ARG A 130 -3.74 12.60 -10.66
CA ARG A 130 -3.93 14.05 -10.69
C ARG A 130 -3.01 14.77 -9.71
N VAL A 131 -2.75 14.18 -8.55
CA VAL A 131 -1.93 14.82 -7.52
C VAL A 131 -0.50 14.29 -7.50
N CYS A 132 -0.33 13.01 -7.86
CA CYS A 132 0.95 12.33 -7.72
C CYS A 132 1.57 11.84 -9.03
N GLU A 133 0.89 12.01 -10.17
CA GLU A 133 1.42 11.62 -11.50
C GLU A 133 1.75 10.14 -11.52
N ASN A 134 2.92 9.72 -12.01
CA ASN A 134 3.16 8.32 -12.34
C ASN A 134 3.81 7.53 -11.19
N ILE A 135 3.38 7.69 -9.93
CA ILE A 135 3.92 6.87 -8.87
C ILE A 135 3.50 5.42 -9.12
N PRO A 136 4.27 4.44 -8.68
CA PRO A 136 3.82 3.05 -8.80
C PRO A 136 2.60 2.78 -7.94
N ILE A 137 1.67 2.03 -8.51
CA ILE A 137 0.39 1.70 -7.90
C ILE A 137 0.13 0.21 -8.04
N VAL A 138 -0.36 -0.41 -6.97
CA VAL A 138 -0.84 -1.79 -6.99
C VAL A 138 -2.33 -1.78 -6.73
N LEU A 139 -3.05 -2.59 -7.51
CA LEU A 139 -4.49 -2.80 -7.39
C LEU A 139 -4.72 -4.10 -6.61
N CYS A 140 -5.47 -4.02 -5.50
CA CYS A 140 -5.77 -5.19 -4.68
C CYS A 140 -7.26 -5.46 -4.62
N GLY A 141 -7.66 -6.69 -4.97
CA GLY A 141 -9.01 -7.19 -4.80
C GLY A 141 -9.11 -7.98 -3.52
N ASN A 142 -9.70 -7.38 -2.48
CA ASN A 142 -9.70 -7.93 -1.12
C ASN A 142 -10.93 -8.81 -0.86
N LYS A 143 -10.89 -9.57 0.25
CA LYS A 143 -11.96 -10.46 0.67
C LYS A 143 -12.10 -11.70 -0.20
N VAL A 144 -10.99 -12.19 -0.78
CA VAL A 144 -11.10 -13.38 -1.62
C VAL A 144 -11.35 -14.62 -0.77
N ASP A 145 -11.35 -14.49 0.58
CA ASP A 145 -11.73 -15.63 1.42
C ASP A 145 -13.21 -15.97 1.29
N ILE A 146 -14.02 -15.05 0.80
CA ILE A 146 -15.47 -15.23 0.71
C ILE A 146 -15.81 -16.00 -0.56
N LYS A 147 -16.59 -17.09 -0.42
CA LYS A 147 -16.85 -18.00 -1.52
C LYS A 147 -17.65 -17.34 -2.64
N ASP A 148 -18.66 -16.55 -2.29
CA ASP A 148 -19.55 -15.95 -3.29
C ASP A 148 -18.89 -14.71 -3.89
N ARG A 149 -17.90 -14.97 -4.73
CA ARG A 149 -17.10 -13.91 -5.34
C ARG A 149 -17.79 -13.37 -6.59
N LYS A 150 -17.82 -12.03 -6.72
CA LYS A 150 -18.52 -11.39 -7.81
C LYS A 150 -17.60 -10.83 -8.90
N VAL A 151 -16.43 -10.35 -8.52
CA VAL A 151 -15.47 -9.76 -9.44
C VAL A 151 -14.36 -10.79 -9.61
N LYS A 152 -14.38 -11.52 -10.73
CA LYS A 152 -13.46 -12.63 -10.93
C LYS A 152 -12.29 -12.22 -11.82
N ALA A 153 -11.28 -13.09 -11.86
CA ALA A 153 -10.04 -12.80 -12.57
C ALA A 153 -10.28 -12.37 -14.01
N LYS A 154 -11.18 -13.06 -14.71
CA LYS A 154 -11.35 -12.77 -16.13
C LYS A 154 -11.77 -11.32 -16.34
N SER A 155 -12.61 -10.79 -15.44
CA SER A 155 -13.01 -9.40 -15.54
C SER A 155 -11.89 -8.45 -15.14
N ILE A 156 -11.05 -8.85 -14.18
CA ILE A 156 -9.99 -7.97 -13.71
C ILE A 156 -8.91 -7.88 -14.75
N VAL A 157 -8.60 -8.98 -15.42
CA VAL A 157 -7.60 -9.01 -16.47
C VAL A 157 -8.13 -8.36 -17.74
N PHE A 158 -9.41 -8.56 -18.05
CA PHE A 158 -9.98 -7.90 -19.22
C PHE A 158 -9.83 -6.39 -19.11
N HIS A 159 -10.01 -5.84 -17.91
CA HIS A 159 -9.86 -4.42 -17.64
C HIS A 159 -8.46 -4.09 -17.10
N ARG A 160 -7.48 -4.96 -17.31
CA ARG A 160 -6.13 -4.70 -16.81
C ARG A 160 -5.58 -3.42 -17.41
N LYS A 161 -5.03 -2.57 -16.55
CA LYS A 161 -4.40 -1.34 -17.01
C LYS A 161 -2.89 -1.53 -16.97
N LYS A 162 -2.21 -1.03 -18.01
CA LYS A 162 -0.76 -1.08 -18.05
C LYS A 162 -0.18 -0.41 -16.80
N ASN A 163 0.86 -1.03 -16.26
CA ASN A 163 1.62 -0.56 -15.10
C ASN A 163 0.84 -0.67 -13.81
N LEU A 164 -0.39 -1.19 -13.85
CA LEU A 164 -1.23 -1.34 -12.67
C LEU A 164 -1.23 -2.82 -12.28
N GLN A 165 -0.24 -3.20 -11.47
CA GLN A 165 -0.07 -4.59 -11.04
C GLN A 165 -1.24 -4.98 -10.15
N TYR A 166 -1.76 -6.19 -10.34
CA TYR A 166 -2.94 -6.66 -9.59
C TYR A 166 -2.58 -7.85 -8.68
N TYR A 167 -3.16 -7.88 -7.46
CA TYR A 167 -3.14 -9.08 -6.61
C TYR A 167 -4.51 -9.30 -5.96
N ASP A 168 -4.92 -10.58 -5.91
CA ASP A 168 -5.91 -11.07 -4.96
C ASP A 168 -5.34 -10.99 -3.54
N ILE A 169 -6.11 -10.45 -2.58
CA ILE A 169 -5.71 -10.47 -1.19
C ILE A 169 -6.90 -10.82 -0.29
N SER A 170 -6.60 -11.35 0.90
CA SER A 170 -7.58 -11.48 1.97
C SER A 170 -6.93 -10.94 3.25
N ALA A 171 -7.31 -9.71 3.62
CA ALA A 171 -6.72 -9.10 4.82
C ALA A 171 -6.94 -9.97 6.05
N LYS A 172 -8.13 -10.54 6.16
CA LYS A 172 -8.50 -11.27 7.37
C LYS A 172 -7.75 -12.58 7.53
N SER A 173 -7.20 -13.14 6.44
CA SER A 173 -6.44 -14.36 6.55
C SER A 173 -4.94 -14.17 6.27
N ASN A 174 -4.51 -12.94 6.06
CA ASN A 174 -3.14 -12.59 5.69
C ASN A 174 -2.78 -13.10 4.30
N TYR A 175 -3.75 -13.54 3.51
CA TYR A 175 -3.44 -14.10 2.20
C TYR A 175 -2.83 -13.05 1.27
N ASN A 176 -1.66 -13.37 0.71
CA ASN A 176 -0.88 -12.51 -0.19
C ASN A 176 -0.50 -11.15 0.42
N PHE A 177 -0.45 -11.04 1.75
CA PHE A 177 -0.19 -9.74 2.40
C PHE A 177 1.06 -9.04 1.85
N GLU A 178 2.16 -9.77 1.69
CA GLU A 178 3.42 -9.15 1.34
C GLU A 178 3.53 -8.77 -0.14
N LYS A 179 2.66 -9.31 -1.01
CA LYS A 179 2.92 -9.16 -2.43
C LYS A 179 2.86 -7.71 -2.90
N PRO A 180 1.86 -6.91 -2.51
CA PRO A 180 1.85 -5.52 -2.99
C PRO A 180 3.09 -4.78 -2.59
N PHE A 181 3.56 -5.00 -1.35
CA PHE A 181 4.71 -4.28 -0.84
C PHE A 181 6.00 -4.68 -1.56
N LEU A 182 6.17 -5.96 -1.85
CA LEU A 182 7.38 -6.41 -2.56
C LEU A 182 7.43 -5.82 -3.96
N TRP A 183 6.29 -5.83 -4.66
CA TRP A 183 6.25 -5.27 -6.00
C TRP A 183 6.58 -3.78 -5.99
N LEU A 184 5.97 -3.06 -5.07
CA LEU A 184 6.28 -1.63 -4.97
C LEU A 184 7.75 -1.41 -4.60
N ALA A 185 8.29 -2.19 -3.67
CA ALA A 185 9.68 -1.98 -3.26
C ALA A 185 10.60 -2.15 -4.44
N ARG A 186 10.36 -3.18 -5.23
CA ARG A 186 11.18 -3.42 -6.41
C ARG A 186 11.13 -2.24 -7.37
N LYS A 187 9.94 -1.67 -7.57
CA LYS A 187 9.80 -0.53 -8.49
C LYS A 187 10.49 0.71 -7.93
N LEU A 188 10.28 0.99 -6.65
CA LEU A 188 10.81 2.21 -6.03
C LEU A 188 12.32 2.18 -5.96
N ILE A 189 12.88 1.02 -5.61
CA ILE A 189 14.33 0.88 -5.48
C ILE A 189 15.00 0.68 -6.82
N GLY A 190 14.24 0.24 -7.82
CA GLY A 190 14.80 -0.12 -9.12
C GLY A 190 15.63 -1.38 -9.08
N ASP A 191 15.16 -2.41 -8.38
CA ASP A 191 15.93 -3.65 -8.19
C ASP A 191 14.95 -4.81 -8.33
N PRO A 192 14.87 -5.40 -9.52
CA PRO A 192 13.95 -6.53 -9.75
C PRO A 192 14.27 -7.77 -8.93
N ASN A 193 15.49 -7.90 -8.42
CA ASN A 193 15.89 -9.06 -7.63
C ASN A 193 15.74 -8.85 -6.13
N LEU A 194 15.16 -7.73 -5.71
CA LEU A 194 14.94 -7.49 -4.29
C LEU A 194 14.02 -8.57 -3.73
N GLU A 195 14.34 -9.06 -2.53
CA GLU A 195 13.53 -10.08 -1.85
C GLU A 195 13.31 -9.66 -0.40
N PHE A 196 12.22 -10.16 0.21
CA PHE A 196 12.03 -10.07 1.64
C PHE A 196 12.62 -11.32 2.27
N VAL A 197 13.53 -11.13 3.23
CA VAL A 197 14.22 -12.30 3.80
C VAL A 197 13.42 -12.96 4.90
N ALA A 198 12.39 -12.30 5.40
CA ALA A 198 11.52 -12.85 6.44
C ALA A 198 10.19 -12.11 6.35
N MET A 199 9.13 -12.83 6.67
CA MET A 199 7.83 -12.18 6.73
C MET A 199 7.74 -11.29 7.97
N PRO A 200 7.01 -10.19 7.90
CA PRO A 200 6.76 -9.42 9.12
C PRO A 200 5.88 -10.20 10.05
N ALA A 201 5.91 -9.83 11.32
CA ALA A 201 5.03 -10.40 12.32
C ALA A 201 3.62 -9.88 12.07
N LEU A 202 2.69 -10.78 11.78
CA LEU A 202 1.35 -10.39 11.40
C LEU A 202 0.36 -10.93 12.41
N ALA A 203 -0.74 -10.20 12.57
CA ALA A 203 -1.82 -10.67 13.42
C ALA A 203 -2.29 -12.04 12.95
N PRO A 204 -2.55 -12.98 13.84
CA PRO A 204 -2.94 -14.33 13.38
C PRO A 204 -4.24 -14.27 12.58
N PRO A 205 -4.36 -15.09 11.55
CA PRO A 205 -5.55 -15.04 10.68
C PRO A 205 -6.83 -15.19 11.50
N GLU A 206 -7.81 -14.39 11.16
CA GLU A 206 -9.10 -14.46 11.81
C GLU A 206 -10.04 -15.41 11.11
N VAL A 207 -9.88 -15.57 9.80
CA VAL A 207 -10.61 -16.55 9.03
C VAL A 207 -9.58 -17.38 8.28
N VAL A 208 -10.00 -18.58 7.94
CA VAL A 208 -9.23 -19.48 7.11
C VAL A 208 -9.42 -19.09 5.65
N MET A 209 -8.31 -18.97 4.93
CA MET A 209 -8.35 -18.91 3.48
C MET A 209 -8.36 -20.34 2.97
N ASP A 210 -9.49 -20.77 2.46
CA ASP A 210 -9.61 -22.15 2.08
C ASP A 210 -8.59 -22.51 1.02
N PRO A 211 -7.77 -23.55 1.23
CA PRO A 211 -6.74 -23.86 0.23
C PRO A 211 -7.28 -24.19 -1.15
N ALA A 212 -8.39 -24.92 -1.23
CA ALA A 212 -8.94 -25.26 -2.53
C ALA A 212 -9.37 -24.00 -3.28
N LEU A 213 -9.97 -23.05 -2.57
CA LEU A 213 -10.39 -21.79 -3.17
C LEU A 213 -9.18 -20.96 -3.62
N ALA A 214 -8.16 -20.86 -2.78
CA ALA A 214 -6.92 -20.16 -3.16
C ALA A 214 -6.31 -20.74 -4.43
N ALA A 215 -6.21 -22.07 -4.50
CA ALA A 215 -5.63 -22.72 -5.67
C ALA A 215 -6.46 -22.43 -6.91
N GLN A 216 -7.78 -22.41 -6.75
CA GLN A 216 -8.61 -22.13 -7.92
C GLN A 216 -8.41 -20.69 -8.40
N TYR A 217 -8.44 -19.73 -7.48
CA TYR A 217 -8.27 -18.33 -7.83
C TYR A 217 -6.90 -18.07 -8.44
N GLU A 218 -5.85 -18.72 -7.91
CA GLU A 218 -4.51 -18.55 -8.47
C GLU A 218 -4.46 -19.09 -9.90
N HIS A 219 -5.10 -20.24 -10.13
CA HIS A 219 -5.20 -20.80 -11.47
C HIS A 219 -5.99 -19.89 -12.39
N ASP A 220 -7.15 -19.41 -11.94
CA ASP A 220 -7.95 -18.52 -12.77
C ASP A 220 -7.16 -17.29 -13.18
N LEU A 221 -6.40 -16.71 -12.25
CA LEU A 221 -5.57 -15.55 -12.59
C LEU A 221 -4.55 -15.91 -13.63
N GLU A 222 -3.80 -16.99 -13.40
CA GLU A 222 -2.74 -17.35 -14.35
C GLU A 222 -3.33 -17.58 -15.75
N VAL A 223 -4.49 -18.26 -15.83
CA VAL A 223 -5.12 -18.52 -17.12
C VAL A 223 -5.47 -17.21 -17.81
N ALA A 224 -6.14 -16.32 -17.10
CA ALA A 224 -6.51 -15.03 -17.67
C ALA A 224 -5.28 -14.27 -18.16
N GLN A 225 -4.18 -14.33 -17.41
CA GLN A 225 -2.99 -13.57 -17.78
C GLN A 225 -2.23 -14.16 -18.97
N THR A 226 -2.41 -15.44 -19.29
CA THR A 226 -1.65 -16.09 -20.35
C THR A 226 -2.50 -16.53 -21.54
N THR A 227 -3.82 -16.52 -21.40
CA THR A 227 -4.68 -17.10 -22.40
C THR A 227 -4.69 -16.24 -23.66
N ALA A 228 -4.66 -16.90 -24.83
CA ALA A 228 -4.72 -16.22 -26.12
C ALA A 228 -6.15 -16.22 -26.66
N GLY B 4 25.84 -7.23 -2.39
CA GLY B 4 26.76 -7.31 -1.26
C GLY B 4 27.10 -5.96 -0.69
N SER B 5 27.61 -5.07 -1.56
CA SER B 5 27.87 -3.68 -1.21
C SER B 5 26.76 -2.74 -1.69
N MET B 6 25.68 -3.29 -2.24
CA MET B 6 24.48 -2.51 -2.53
C MET B 6 23.56 -2.42 -1.33
N ASP B 7 24.03 -2.80 -0.14
CA ASP B 7 23.20 -2.68 1.04
C ASP B 7 22.93 -1.20 1.34
N PHE B 8 21.74 -0.93 1.86
CA PHE B 8 21.33 0.44 2.12
C PHE B 8 22.24 1.14 3.13
N ARG B 9 22.73 0.42 4.14
CA ARG B 9 23.64 1.04 5.10
C ARG B 9 24.90 1.61 4.43
N SER B 10 25.29 1.10 3.27
CA SER B 10 26.49 1.57 2.59
C SER B 10 26.24 2.59 1.49
N VAL B 11 25.07 2.53 0.84
CA VAL B 11 24.81 3.31 -0.37
C VAL B 11 23.71 4.36 -0.19
N PHE B 12 22.91 4.29 0.88
CA PHE B 12 21.76 5.18 1.05
C PHE B 12 22.05 6.31 2.02
N SER B 13 21.70 7.53 1.64
CA SER B 13 21.76 8.68 2.52
C SER B 13 20.66 9.66 2.14
N THR B 14 20.23 10.45 3.11
CA THR B 14 19.15 11.41 2.90
C THR B 14 19.71 12.74 2.42
N LYS B 15 18.85 13.51 1.74
CA LYS B 15 19.22 14.85 1.31
C LYS B 15 19.73 15.64 2.51
N GLU B 16 20.75 16.48 2.27
CA GLU B 16 21.29 17.37 3.28
C GLU B 16 20.20 18.27 3.84
N GLY B 17 20.15 18.40 5.17
CA GLY B 17 19.17 19.23 5.84
C GLY B 17 17.76 18.68 5.90
N GLN B 18 17.50 17.53 5.29
CA GLN B 18 16.14 16.97 5.27
C GLN B 18 15.67 16.66 6.69
N TRP B 19 14.38 16.87 6.95
CA TRP B 19 13.84 16.58 8.27
C TRP B 19 12.57 15.76 8.10
N ASP B 20 12.32 14.90 9.09
CA ASP B 20 11.17 14.00 9.08
C ASP B 20 10.10 14.59 10.00
N CYS B 21 8.94 14.85 9.43
CA CYS B 21 7.82 15.37 10.21
C CYS B 21 7.48 14.40 11.35
N SER B 22 7.51 14.92 12.57
CA SER B 22 7.23 14.06 13.72
C SER B 22 5.77 13.63 13.77
N ALA B 23 4.88 14.30 13.04
CA ALA B 23 3.47 14.00 13.12
C ALA B 23 3.01 12.96 12.09
N CYS B 24 3.51 13.02 10.85
CA CYS B 24 3.01 12.15 9.76
C CYS B 24 4.12 11.40 9.04
N LEU B 25 5.38 11.61 9.42
CA LEU B 25 6.58 10.96 8.91
C LEU B 25 6.96 11.38 7.49
N VAL B 26 6.29 12.36 6.89
CA VAL B 26 6.69 12.82 5.55
C VAL B 26 8.05 13.49 5.63
N GLN B 27 8.89 13.28 4.61
CA GLN B 27 10.23 13.87 4.62
C GLN B 27 10.18 15.21 3.91
N ASN B 28 10.71 16.25 4.54
CA ASN B 28 10.51 17.61 4.07
C ASN B 28 11.84 18.31 3.78
N GLU B 29 11.78 19.30 2.89
CA GLU B 29 12.93 20.12 2.53
C GLU B 29 13.46 20.90 3.73
N GLY B 30 14.78 21.05 3.78
CA GLY B 30 15.37 21.91 4.80
C GLY B 30 14.87 23.35 4.76
N SER B 31 14.37 23.80 3.61
CA SER B 31 13.88 25.15 3.44
C SER B 31 12.42 25.34 3.85
N SER B 32 11.72 24.28 4.25
CA SER B 32 10.32 24.38 4.64
C SER B 32 10.23 24.52 6.16
N THR B 33 9.42 25.47 6.62
CA THR B 33 9.18 25.63 8.04
C THR B 33 8.08 24.70 8.55
N LYS B 34 7.24 24.19 7.66
CA LYS B 34 6.12 23.36 8.07
C LYS B 34 6.02 22.17 7.13
N CYS B 35 5.34 21.13 7.58
CA CYS B 35 5.21 19.92 6.76
C CYS B 35 4.30 20.21 5.57
N ALA B 36 4.78 19.84 4.38
CA ALA B 36 4.01 20.05 3.15
C ALA B 36 2.72 19.24 3.13
N ALA B 37 2.63 18.15 3.90
CA ALA B 37 1.43 17.32 3.88
C ALA B 37 0.44 17.76 4.97
N CYS B 38 0.88 17.83 6.23
CA CYS B 38 -0.01 17.97 7.37
C CYS B 38 0.13 19.29 8.10
N GLN B 39 1.04 20.17 7.68
CA GLN B 39 1.25 21.51 8.21
C GLN B 39 1.91 21.53 9.59
N ASN B 40 2.28 20.39 10.16
CA ASN B 40 3.00 20.40 11.44
C ASN B 40 4.30 21.22 11.32
N PRO B 41 4.61 22.10 12.29
CA PRO B 41 5.84 22.89 12.18
C PRO B 41 7.08 22.05 12.46
N ARG B 42 8.17 22.40 11.76
CA ARG B 42 9.45 21.76 12.00
C ARG B 42 9.92 22.01 13.43
N LYS B 43 10.55 21.00 14.02
CA LYS B 43 11.08 21.10 15.39
C LYS B 43 12.51 21.65 15.43
PB GDP C . -12.32 0.22 5.05
O1B GDP C . -11.88 0.11 3.60
O2B GDP C . -13.56 1.14 5.20
O3B GDP C . -11.22 0.70 5.97
O3A GDP C . -12.70 -1.30 5.47
PA GDP C . -12.59 -1.97 6.92
O1A GDP C . -11.18 -2.46 7.21
O2A GDP C . -13.09 -1.05 8.01
O5' GDP C . -13.50 -3.36 6.76
C5' GDP C . -14.85 -3.16 6.40
C4' GDP C . -15.59 -4.53 6.73
O4' GDP C . -14.97 -5.55 5.75
C3' GDP C . -15.39 -4.92 7.92
O3' GDP C . -16.54 -5.69 8.50
C2' GDP C . -14.18 -6.03 7.83
O2' GDP C . -14.35 -6.95 8.95
C1' GDP C . -14.45 -6.59 6.71
N9 GDP C . -13.28 -7.24 6.03
C8 GDP C . -12.15 -6.44 5.85
N7 GDP C . -11.24 -7.20 5.23
C5 GDP C . -11.77 -8.43 5.01
C6 GDP C . -11.30 -9.75 4.39
O6 GDP C . -10.19 -9.94 3.93
N1 GDP C . -12.23 -10.81 4.37
C2 GDP C . -13.54 -10.72 4.91
N2 GDP C . -14.40 -11.90 4.85
N3 GDP C . -13.98 -9.49 5.55
C4 GDP C . -13.05 -8.38 5.51
H5' GDP C . -14.92 -2.96 5.46
H5'' GDP C . -15.23 -2.43 6.93
H4' GDP C . -16.54 -4.44 6.56
H3' GDP C . -15.13 -4.18 8.50
HO3' GDP C . -16.85 -5.29 9.17
H2' GDP C . -13.32 -5.59 7.86
HO2' GDP C . -13.77 -6.79 9.54
H1' GDP C . -15.13 -7.25 6.85
H8 GDP C . -12.06 -5.56 6.12
HN1 GDP C . -11.99 -11.56 4.04
HN21 GDP C . -15.20 -11.86 5.18
HN22 GDP C . -14.11 -12.62 4.50
MG MG D . -10.96 2.37 7.14
ZN ZN E . 3.53 16.00 8.46
#